data_6E9G
#
_entry.id   6E9G
#
_cell.length_a   82.366
_cell.length_b   71.926
_cell.length_c   88.004
_cell.angle_alpha   90.00
_cell.angle_beta   96.56
_cell.angle_gamma   90.00
#
_symmetry.space_group_name_H-M   'C 1 2 1'
#
loop_
_entity.id
_entity.type
_entity.pdbx_description
1 polymer 'Bovine ultralong antibody BOV-2 heavy chain'
2 polymer 'Bovine ultralong antibody BOV-2 light chain'
#
loop_
_entity_poly.entity_id
_entity_poly.type
_entity_poly.pdbx_seq_one_letter_code
_entity_poly.pdbx_strand_id
1 'polypeptide(L)'
;QVQLRESGPSLVKPSQTLSLTCTASGFSLSDKAVGWVRQAPGKALEWLGSIDTGGNAGYNPGLKSRLSITQDNSKSQVSL
SVSTVTTEDSATYYCTTVQQKTKKSCPDGYTYDCGAARRTCCSRYDFCGYSMYARADWDWYCTANYINTYEFYVDAWGQG
LLVTVSSASTTAPKVYPLSSCCGDKSSSTVTLGCLVSSYMPEPVTVTWNSGALKSGVHTFPAVLQSSGLYSLSSMVTVPG
STSGQTFTCNVAHPASSTKVDKAVEPKSCDGS
;
A
2 'polypeptide(L)'
;EAVLNQPSSVSGSLGQRVSITCSGSSSNVGNGYVSWYQLIPGSAPRTLIYGDTSRASGVPDRFSGSRSGNTATLTISSLQ
AEDEADYFCASAEDSSSNAVFGSGTTLTVLGQPKSPPSVTLFPPSTEELNGNKATLVCLISDFYPGSVTVVWKADGSTIT
RNVETTRASKQSNSKYAASSYLSLTSSDWKSKGSYSCEVTHEGSTVTKTVKPSECS
;
B
#
# COMPACT_ATOMS: atom_id res chain seq x y z
N LEU A 4 -1.45 13.29 8.09
CA LEU A 4 -2.25 12.44 8.96
C LEU A 4 -1.38 11.34 9.57
N ARG A 5 -1.79 10.83 10.73
CA ARG A 5 -0.98 9.84 11.44
C ARG A 5 -1.89 8.91 12.22
N GLU A 6 -1.79 7.61 11.94
CA GLU A 6 -2.49 6.58 12.69
C GLU A 6 -1.56 5.91 13.68
N SER A 7 -2.12 5.50 14.81
CA SER A 7 -1.34 4.85 15.86
C SER A 7 -2.18 3.78 16.54
N GLY A 8 -1.52 2.71 16.97
CA GLY A 8 -2.17 1.60 17.63
C GLY A 8 -1.32 0.36 17.60
N PRO A 9 -1.87 -0.76 18.08
CA PRO A 9 -1.10 -2.01 18.09
C PRO A 9 -0.97 -2.60 16.69
N SER A 10 0.13 -3.33 16.50
CA SER A 10 0.39 -3.98 15.22
C SER A 10 -0.03 -5.45 15.21
N LEU A 11 -0.45 -6.00 16.35
CA LEU A 11 -0.77 -7.42 16.43
C LEU A 11 -1.78 -7.65 17.54
N VAL A 12 -2.93 -8.21 17.18
CA VAL A 12 -3.94 -8.62 18.15
C VAL A 12 -4.29 -10.08 17.89
N LYS A 13 -4.71 -10.77 18.94
CA LYS A 13 -5.09 -12.16 18.83
C LYS A 13 -6.49 -12.30 18.23
N PRO A 14 -6.80 -13.44 17.63
CA PRO A 14 -8.15 -13.63 17.09
C PRO A 14 -9.22 -13.51 18.16
N SER A 15 -10.39 -13.01 17.76
CA SER A 15 -11.56 -12.84 18.62
C SER A 15 -11.33 -11.79 19.70
N GLN A 16 -10.57 -10.74 19.40
CA GLN A 16 -10.41 -9.60 20.28
C GLN A 16 -10.83 -8.33 19.54
N THR A 17 -10.64 -7.18 20.16
CA THR A 17 -11.01 -5.90 19.58
C THR A 17 -9.76 -5.08 19.26
N LEU A 18 -9.76 -4.48 18.07
CA LEU A 18 -8.62 -3.74 17.55
C LEU A 18 -8.96 -2.25 17.55
N SER A 19 -8.11 -1.44 18.18
CA SER A 19 -8.36 -0.01 18.35
C SER A 19 -7.13 0.78 17.91
N LEU A 20 -7.34 1.74 17.02
CA LEU A 20 -6.31 2.66 16.57
C LEU A 20 -6.75 4.09 16.85
N THR A 21 -5.92 5.05 16.44
CA THR A 21 -6.23 6.45 16.65
C THR A 21 -5.53 7.28 15.58
N CYS A 22 -6.17 8.39 15.19
CA CYS A 22 -5.66 9.27 14.16
C CYS A 22 -5.26 10.62 14.76
N THR A 23 -4.13 11.14 14.32
CA THR A 23 -3.65 12.43 14.80
C THR A 23 -3.13 13.29 13.65
N LEU A 29 -6.92 20.57 12.82
CA LEU A 29 -7.43 20.02 14.07
C LEU A 29 -8.78 19.33 13.86
N SER A 30 -9.82 19.85 14.50
CA SER A 30 -11.16 19.28 14.41
C SER A 30 -11.99 19.92 13.31
N ASP A 31 -11.38 20.69 12.41
CA ASP A 31 -12.10 21.35 11.32
C ASP A 31 -11.98 20.52 10.03
N LYS A 32 -12.38 19.26 10.13
CA LYS A 32 -12.31 18.33 9.01
C LYS A 32 -13.20 17.14 9.31
N ALA A 33 -13.30 16.24 8.33
CA ALA A 33 -14.05 15.00 8.48
C ALA A 33 -13.12 13.84 8.15
N VAL A 34 -12.88 12.97 9.13
CA VAL A 34 -11.91 11.89 9.02
C VAL A 34 -12.63 10.57 8.88
N GLY A 35 -12.12 9.71 8.00
CA GLY A 35 -12.66 8.38 7.82
C GLY A 35 -11.56 7.34 7.83
N TRP A 36 -11.97 6.10 8.08
CA TRP A 36 -11.05 4.96 8.16
C TRP A 36 -11.27 4.05 6.96
N VAL A 37 -10.21 3.85 6.17
CA VAL A 37 -10.23 2.91 5.05
C VAL A 37 -9.19 1.84 5.33
N ARG A 38 -9.57 0.58 5.09
CA ARG A 38 -8.66 -0.55 5.29
C ARG A 38 -8.50 -1.32 3.99
N GLN A 39 -7.35 -1.99 3.87
CA GLN A 39 -7.06 -2.82 2.71
C GLN A 39 -6.30 -4.04 3.18
N ALA A 40 -6.89 -5.22 2.97
CA ALA A 40 -6.20 -6.47 3.23
C ALA A 40 -5.05 -6.63 2.24
N PRO A 41 -4.06 -7.48 2.56
CA PRO A 41 -2.94 -7.68 1.63
C PRO A 41 -3.40 -8.19 0.28
N GLY A 42 -3.09 -7.45 -0.77
CA GLY A 42 -3.47 -7.81 -2.13
C GLY A 42 -4.90 -7.52 -2.51
N LYS A 43 -5.80 -7.39 -1.54
CA LYS A 43 -7.21 -7.14 -1.83
C LYS A 43 -7.42 -5.67 -2.18
N ALA A 44 -8.68 -5.31 -2.40
CA ALA A 44 -9.04 -3.95 -2.77
C ALA A 44 -9.41 -3.13 -1.54
N LEU A 45 -9.52 -1.82 -1.73
CA LEU A 45 -9.88 -0.92 -0.64
C LEU A 45 -11.29 -1.25 -0.14
N GLU A 46 -11.48 -1.16 1.17
CA GLU A 46 -12.74 -1.50 1.81
C GLU A 46 -13.14 -0.38 2.74
N TRP A 47 -14.32 0.20 2.51
CA TRP A 47 -14.80 1.28 3.35
C TRP A 47 -15.19 0.75 4.72
N LEU A 48 -14.87 1.53 5.76
CA LEU A 48 -15.23 1.17 7.13
C LEU A 48 -16.19 2.19 7.72
N GLY A 49 -15.71 3.38 8.07
CA GLY A 49 -16.57 4.38 8.70
C GLY A 49 -16.05 5.78 8.51
N SER A 50 -16.96 6.74 8.66
CA SER A 50 -16.65 8.15 8.57
C SER A 50 -17.01 8.84 9.88
N ILE A 51 -16.61 10.12 9.97
CA ILE A 51 -16.94 10.95 11.11
C ILE A 51 -16.89 12.41 10.67
N ASP A 52 -18.03 13.10 10.73
CA ASP A 52 -18.10 14.49 10.32
C ASP A 52 -17.80 15.39 11.52
N THR A 53 -17.96 16.71 11.33
CA THR A 53 -17.65 17.65 12.40
C THR A 53 -18.74 17.64 13.49
N GLY A 54 -19.98 17.39 13.12
CA GLY A 54 -21.07 17.44 14.07
C GLY A 54 -21.19 16.26 15.01
N GLY A 55 -20.41 15.20 14.77
CA GLY A 55 -20.46 14.00 15.59
C GLY A 55 -21.11 12.81 14.94
N ASN A 56 -21.83 13.00 13.83
CA ASN A 56 -22.42 11.89 13.11
C ASN A 56 -21.32 11.01 12.51
N ALA A 57 -21.70 9.78 12.17
CA ALA A 57 -20.72 8.81 11.67
C ALA A 57 -21.43 7.80 10.78
N GLY A 58 -20.97 7.69 9.55
CA GLY A 58 -21.52 6.74 8.58
C GLY A 58 -20.62 5.51 8.45
N TYR A 59 -21.25 4.35 8.30
CA TYR A 59 -20.56 3.08 8.35
C TYR A 59 -20.90 2.23 7.13
N ASN A 60 -20.02 1.28 6.84
CA ASN A 60 -20.35 0.20 5.94
C ASN A 60 -21.48 -0.62 6.57
N PRO A 61 -22.59 -0.85 5.86
CA PRO A 61 -23.67 -1.66 6.45
C PRO A 61 -23.23 -3.06 6.84
N GLY A 62 -22.42 -3.71 6.01
CA GLY A 62 -22.02 -5.08 6.31
C GLY A 62 -21.07 -5.16 7.49
N LEU A 63 -20.19 -4.16 7.65
CA LEU A 63 -19.23 -4.11 8.73
C LEU A 63 -19.71 -3.30 9.92
N LYS A 64 -20.88 -2.67 9.82
CA LYS A 64 -21.52 -2.05 10.98
C LYS A 64 -22.27 -3.12 11.75
N SER A 65 -21.93 -3.24 13.04
CA SER A 65 -22.30 -4.30 13.99
C SER A 65 -21.05 -4.65 14.76
N ARG A 66 -19.92 -4.69 14.06
CA ARG A 66 -18.62 -4.98 14.65
C ARG A 66 -17.68 -3.78 14.60
N LEU A 67 -18.19 -2.59 14.30
CA LEU A 67 -17.35 -1.41 14.13
C LEU A 67 -17.90 -0.24 14.93
N SER A 68 -17.00 0.65 15.32
CA SER A 68 -17.35 1.87 16.05
C SER A 68 -16.23 2.89 15.87
N ILE A 69 -16.53 4.14 16.17
CA ILE A 69 -15.57 5.22 15.99
C ILE A 69 -15.91 6.38 16.94
N THR A 70 -15.10 6.54 17.99
CA THR A 70 -15.32 7.58 18.99
C THR A 70 -13.98 8.14 19.44
N GLN A 71 -13.89 9.47 19.53
CA GLN A 71 -12.76 10.15 20.13
C GLN A 71 -13.05 11.65 20.19
N ASP A 72 -12.29 12.37 21.00
CA ASP A 72 -12.45 13.81 21.16
C ASP A 72 -11.30 14.57 20.48
N VAL A 78 -9.68 11.11 16.66
CA VAL A 78 -10.45 10.03 16.03
C VAL A 78 -9.84 8.68 16.39
N SER A 79 -10.69 7.76 16.86
CA SER A 79 -10.25 6.42 17.26
C SER A 79 -11.31 5.41 16.86
N LEU A 80 -10.91 4.39 16.12
CA LEU A 80 -11.82 3.34 15.65
C LEU A 80 -11.67 2.09 16.51
N SER A 81 -12.60 1.15 16.29
CA SER A 81 -12.59 -0.10 17.05
C SER A 81 -13.40 -1.15 16.31
N VAL A 82 -12.78 -2.28 16.00
CA VAL A 82 -13.45 -3.43 15.39
C VAL A 82 -13.61 -4.51 16.45
N SER A 83 -14.67 -5.31 16.32
CA SER A 83 -15.00 -6.34 17.29
C SER A 83 -14.72 -7.73 16.74
N THR A 84 -14.59 -8.69 17.67
CA THR A 84 -14.28 -10.09 17.41
C THR A 84 -13.45 -10.31 16.15
N VAL A 85 -12.28 -9.69 16.08
CA VAL A 85 -11.46 -9.75 14.88
C VAL A 85 -11.08 -11.19 14.57
N THR A 86 -10.94 -11.48 13.28
CA THR A 86 -10.48 -12.79 12.80
C THR A 86 -9.31 -12.58 11.85
N THR A 87 -8.81 -13.67 11.28
CA THR A 87 -7.70 -13.58 10.35
C THR A 87 -8.07 -12.74 9.13
N GLU A 88 -9.35 -12.67 8.79
CA GLU A 88 -9.80 -11.85 7.67
C GLU A 88 -9.76 -10.35 7.98
N ASP A 89 -9.42 -9.97 9.21
CA ASP A 89 -9.31 -8.57 9.58
C ASP A 89 -7.89 -8.04 9.51
N SER A 90 -6.91 -8.89 9.18
CA SER A 90 -5.54 -8.45 9.01
C SER A 90 -5.44 -7.57 7.76
N ALA A 91 -5.15 -6.29 7.96
CA ALA A 91 -5.17 -5.34 6.85
C ALA A 91 -4.34 -4.13 7.22
N THR A 92 -4.11 -3.27 6.23
CA THR A 92 -3.49 -1.96 6.43
C THR A 92 -4.61 -0.94 6.61
N TYR A 93 -4.70 -0.37 7.81
CA TYR A 93 -5.79 0.54 8.15
C TYR A 93 -5.34 1.97 7.95
N TYR A 94 -6.08 2.72 7.14
CA TYR A 94 -5.76 4.10 6.81
C TYR A 94 -6.70 5.06 7.52
N CYS A 95 -6.17 6.24 7.86
CA CYS A 95 -6.97 7.36 8.30
C CYS A 95 -6.99 8.39 7.18
N THR A 96 -8.17 8.65 6.64
CA THR A 96 -8.33 9.56 5.51
C THR A 96 -9.07 10.81 5.94
N THR A 97 -8.93 11.86 5.13
CA THR A 97 -9.72 13.08 5.27
C THR A 97 -10.86 13.00 4.27
N VAL A 98 -12.09 12.78 4.78
CA VAL A 98 -13.24 12.55 3.92
C VAL A 98 -13.93 13.88 3.63
N GLN A 99 -14.85 13.88 2.65
CA GLN A 99 -15.62 15.05 2.28
C GLN A 99 -16.93 14.56 1.66
N GLN A 100 -17.86 14.14 2.53
CA GLN A 100 -19.16 13.64 2.12
C GLN A 100 -20.14 14.78 1.90
N LYS A 101 -21.20 14.49 1.16
CA LYS A 101 -22.23 15.47 0.85
C LYS A 101 -23.48 14.80 0.29
N THR A 102 -24.63 15.09 0.89
CA THR A 102 -25.92 14.63 0.40
C THR A 102 -26.70 15.85 -0.10
N LYS A 103 -27.29 15.73 -1.29
CA LYS A 103 -27.98 16.84 -1.93
C LYS A 103 -29.37 16.39 -2.36
N LYS A 104 -30.40 16.92 -1.67
CA LYS A 104 -31.77 16.67 -2.08
C LYS A 104 -32.14 17.56 -3.26
N SER A 105 -32.84 16.99 -4.23
CA SER A 105 -33.23 17.71 -5.43
C SER A 105 -34.65 17.32 -5.80
N CYS A 106 -35.42 18.31 -6.25
CA CYS A 106 -36.77 18.05 -6.73
C CYS A 106 -36.71 16.99 -7.82
N PRO A 107 -37.50 15.90 -7.70
CA PRO A 107 -37.52 14.90 -8.79
C PRO A 107 -37.81 15.59 -10.11
N ASP A 108 -36.94 15.46 -11.09
CA ASP A 108 -37.06 16.35 -12.25
C ASP A 108 -38.30 16.02 -13.07
N GLY A 109 -38.79 17.04 -13.76
CA GLY A 109 -40.16 17.06 -14.25
C GLY A 109 -40.90 18.17 -13.53
N TYR A 110 -40.93 18.08 -12.20
CA TYR A 110 -41.38 19.19 -11.37
C TYR A 110 -40.37 20.32 -11.49
N THR A 111 -40.50 21.14 -12.54
CA THR A 111 -39.44 22.06 -12.93
C THR A 111 -39.20 23.16 -11.91
N TYR A 112 -40.15 23.42 -11.03
CA TYR A 112 -40.05 24.54 -10.09
C TYR A 112 -39.96 23.99 -8.67
N ASP A 113 -38.89 24.36 -7.96
CA ASP A 113 -38.68 23.95 -6.58
C ASP A 113 -39.30 25.01 -5.67
N CYS A 114 -40.46 24.68 -5.10
CA CYS A 114 -41.11 25.61 -4.18
C CYS A 114 -40.30 25.75 -2.90
N GLY A 115 -40.64 26.77 -2.12
CA GLY A 115 -39.84 27.16 -0.97
C GLY A 115 -39.84 26.14 0.15
N ALA A 116 -39.07 26.46 1.19
CA ALA A 116 -38.95 25.58 2.35
C ALA A 116 -40.18 25.60 3.23
N ALA A 117 -40.99 26.66 3.17
CA ALA A 117 -42.21 26.71 3.96
C ALA A 117 -43.20 25.66 3.51
N ARG A 118 -43.34 25.46 2.20
CA ARG A 118 -44.23 24.43 1.68
C ARG A 118 -43.56 23.07 1.56
N ARG A 119 -42.25 23.04 1.33
CA ARG A 119 -41.49 21.80 1.22
C ARG A 119 -42.08 20.88 0.14
N THR A 120 -42.28 21.44 -1.05
CA THR A 120 -42.87 20.68 -2.14
C THR A 120 -42.23 21.08 -3.46
N CYS A 121 -42.44 20.25 -4.48
CA CYS A 121 -42.00 20.53 -5.84
C CYS A 121 -43.21 20.52 -6.76
N CYS A 122 -43.21 21.41 -7.75
CA CYS A 122 -44.39 21.61 -8.58
C CYS A 122 -44.01 21.68 -10.04
N SER A 123 -44.92 21.19 -10.90
CA SER A 123 -44.73 21.30 -12.33
C SER A 123 -45.01 22.71 -12.84
N ARG A 124 -45.92 23.43 -12.19
CA ARG A 124 -46.24 24.80 -12.54
C ARG A 124 -46.08 25.69 -11.31
N TYR A 125 -45.58 26.91 -11.53
CA TYR A 125 -45.24 27.77 -10.40
C TYR A 125 -46.47 28.26 -9.66
N ASP A 126 -47.63 28.31 -10.33
CA ASP A 126 -48.83 28.82 -9.68
C ASP A 126 -49.41 27.87 -8.64
N PHE A 127 -48.72 26.76 -8.36
CA PHE A 127 -49.12 25.81 -7.34
C PHE A 127 -48.15 25.77 -6.17
N CYS A 128 -47.19 26.70 -6.12
CA CYS A 128 -46.17 26.67 -5.07
C CYS A 128 -46.67 27.24 -3.76
N GLY A 129 -47.64 28.16 -3.80
CA GLY A 129 -48.17 28.76 -2.58
C GLY A 129 -49.22 27.91 -1.92
N TYR A 130 -49.26 26.62 -2.27
CA TYR A 130 -50.26 25.69 -1.76
C TYR A 130 -49.60 24.65 -0.87
N SER A 131 -50.18 24.42 0.31
CA SER A 131 -49.77 23.30 1.12
C SER A 131 -50.15 21.99 0.42
N MET A 132 -49.67 20.88 0.99
CA MET A 132 -49.93 19.57 0.39
C MET A 132 -51.42 19.32 0.27
N TYR A 133 -51.87 19.07 -0.96
CA TYR A 133 -53.27 18.72 -1.25
C TYR A 133 -54.24 19.85 -0.90
N ALA A 134 -53.77 21.09 -0.99
CA ALA A 134 -54.67 22.22 -0.74
C ALA A 134 -55.65 22.41 -1.89
N ARG A 135 -55.21 22.14 -3.12
CA ARG A 135 -56.04 22.24 -4.31
C ARG A 135 -56.35 20.84 -4.82
N ALA A 136 -57.53 20.68 -5.42
CA ALA A 136 -57.95 19.38 -5.94
C ALA A 136 -57.10 18.92 -7.11
N ASP A 137 -56.46 19.84 -7.84
CA ASP A 137 -55.57 19.49 -8.93
C ASP A 137 -54.12 19.36 -8.49
N TRP A 138 -53.84 19.57 -7.20
CA TRP A 138 -52.46 19.61 -6.72
C TRP A 138 -51.71 18.31 -6.99
N ASP A 139 -52.43 17.18 -7.04
CA ASP A 139 -51.77 15.89 -7.15
C ASP A 139 -51.10 15.69 -8.51
N TRP A 140 -51.67 16.28 -9.57
CA TRP A 140 -51.12 16.04 -10.91
C TRP A 140 -49.84 16.81 -11.16
N TYR A 141 -49.72 18.02 -10.62
CA TYR A 141 -48.60 18.90 -10.95
C TYR A 141 -47.54 19.01 -9.86
N CYS A 142 -47.80 18.48 -8.65
CA CYS A 142 -46.87 18.69 -7.55
C CYS A 142 -46.67 17.40 -6.78
N THR A 143 -45.54 17.35 -6.06
CA THR A 143 -45.22 16.24 -5.18
C THR A 143 -44.39 16.77 -4.02
N ALA A 144 -44.30 15.96 -2.96
CA ALA A 144 -43.49 16.30 -1.80
C ALA A 144 -42.23 15.47 -1.69
N ASN A 145 -42.03 14.49 -2.57
CA ASN A 145 -40.85 13.64 -2.52
C ASN A 145 -39.64 14.41 -3.03
N TYR A 146 -38.48 13.75 -3.03
CA TYR A 146 -37.24 14.36 -3.48
C TYR A 146 -36.32 13.29 -4.03
N ILE A 147 -35.35 13.72 -4.83
CA ILE A 147 -34.33 12.85 -5.39
C ILE A 147 -33.06 13.01 -4.57
N ASN A 148 -32.63 11.93 -3.93
CA ASN A 148 -31.47 11.94 -3.03
C ASN A 148 -30.25 11.45 -3.81
N THR A 149 -29.29 12.35 -4.02
CA THR A 149 -28.05 12.04 -4.73
C THR A 149 -26.88 12.28 -3.81
N TYR A 150 -25.94 11.33 -3.77
CA TYR A 150 -24.85 11.36 -2.82
C TYR A 150 -23.51 11.54 -3.54
N GLU A 151 -22.70 12.47 -3.03
CA GLU A 151 -21.36 12.72 -3.53
C GLU A 151 -20.34 12.43 -2.42
N PHE A 152 -19.16 11.93 -2.80
CA PHE A 152 -18.18 11.54 -1.80
C PHE A 152 -16.81 11.39 -2.45
N TYR A 153 -15.78 11.71 -1.67
CA TYR A 153 -14.39 11.39 -2.01
C TYR A 153 -13.55 11.54 -0.74
N VAL A 154 -12.23 11.42 -0.89
CA VAL A 154 -11.29 11.50 0.23
C VAL A 154 -10.32 12.65 -0.04
N ASP A 155 -10.33 13.64 0.84
CA ASP A 155 -9.51 14.84 0.63
C ASP A 155 -8.03 14.55 0.84
N ALA A 156 -7.68 13.81 1.89
CA ALA A 156 -6.30 13.49 2.18
C ALA A 156 -6.20 12.09 2.75
N TRP A 157 -4.98 11.58 2.84
CA TRP A 157 -4.73 10.21 3.28
C TRP A 157 -3.63 10.18 4.33
N GLY A 158 -3.64 9.11 5.11
CA GLY A 158 -2.54 8.78 5.98
C GLY A 158 -1.65 7.71 5.36
N GLN A 159 -0.49 7.53 5.97
CA GLN A 159 0.47 6.55 5.46
C GLN A 159 -0.07 5.13 5.60
N GLY A 160 -0.82 4.86 6.65
CA GLY A 160 -1.35 3.55 6.95
C GLY A 160 -0.57 2.86 8.05
N LEU A 161 -1.27 2.02 8.81
CA LEU A 161 -0.66 1.22 9.88
C LEU A 161 -1.15 -0.21 9.71
N LEU A 162 -0.24 -1.12 9.36
CA LEU A 162 -0.60 -2.51 9.13
C LEU A 162 -0.82 -3.21 10.47
N VAL A 163 -2.00 -3.80 10.65
CA VAL A 163 -2.32 -4.56 11.84
C VAL A 163 -2.51 -6.03 11.45
N THR A 164 -1.80 -6.91 12.13
CA THR A 164 -1.83 -8.35 11.84
C THR A 164 -2.61 -9.07 12.93
N VAL A 165 -3.55 -9.92 12.51
CA VAL A 165 -4.32 -10.74 13.43
C VAL A 165 -3.74 -12.16 13.38
N SER A 166 -3.29 -12.66 14.53
CA SER A 166 -2.67 -13.97 14.56
C SER A 166 -2.62 -14.48 15.99
N SER A 167 -2.62 -15.80 16.12
CA SER A 167 -2.40 -16.44 17.41
C SER A 167 -0.93 -16.58 17.75
N ALA A 168 -0.04 -16.11 16.89
CA ALA A 168 1.39 -16.19 17.13
C ALA A 168 1.84 -15.11 18.12
N SER A 169 3.05 -15.28 18.64
CA SER A 169 3.61 -14.39 19.64
C SER A 169 4.67 -13.49 19.02
N THR A 170 4.68 -12.23 19.42
CA THR A 170 5.59 -11.23 18.87
C THR A 170 7.04 -11.59 19.14
N THR A 171 7.74 -12.06 18.11
CA THR A 171 9.16 -12.39 18.22
C THR A 171 9.98 -11.26 17.61
N ALA A 172 10.93 -10.74 18.38
CA ALA A 172 11.74 -9.62 17.95
C ALA A 172 12.95 -10.12 17.14
N PRO A 173 13.44 -9.30 16.21
CA PRO A 173 14.55 -9.75 15.36
C PRO A 173 15.91 -9.58 16.02
N LYS A 174 16.85 -10.41 15.57
CA LYS A 174 18.26 -10.26 15.89
C LYS A 174 18.97 -9.72 14.67
N VAL A 175 19.54 -8.52 14.78
CA VAL A 175 20.15 -7.85 13.65
C VAL A 175 21.63 -8.20 13.61
N TYR A 176 22.14 -8.51 12.41
CA TYR A 176 23.54 -8.80 12.19
C TYR A 176 24.12 -7.85 11.15
N PRO A 177 25.37 -7.45 11.30
CA PRO A 177 26.00 -6.61 10.27
C PRO A 177 26.40 -7.42 9.04
N LEU A 178 26.45 -6.73 7.91
CA LEU A 178 26.84 -7.34 6.63
C LEU A 178 28.04 -6.58 6.07
N SER A 179 29.18 -7.26 6.00
CA SER A 179 30.39 -6.70 5.41
C SER A 179 31.03 -7.75 4.51
N SER A 180 31.72 -7.27 3.48
CA SER A 180 32.33 -8.16 2.51
C SER A 180 33.59 -8.80 3.07
N CYS A 181 33.93 -9.97 2.53
CA CYS A 181 35.23 -10.56 2.82
C CYS A 181 36.33 -9.67 2.26
N CYS A 182 37.44 -9.58 2.98
CA CYS A 182 38.47 -8.60 2.65
C CYS A 182 39.07 -8.78 1.25
N GLY A 183 38.71 -9.84 0.53
CA GLY A 183 39.16 -10.01 -0.85
C GLY A 183 38.51 -9.02 -1.79
N SER A 187 35.94 -2.89 -3.64
CA SER A 187 37.14 -2.14 -3.27
C SER A 187 37.10 -0.72 -3.83
N SER A 188 36.28 -0.52 -4.85
CA SER A 188 36.11 0.81 -5.45
C SER A 188 34.84 1.51 -5.01
N THR A 189 33.82 0.76 -4.58
CA THR A 189 32.58 1.35 -4.07
C THR A 189 32.09 0.42 -2.96
N VAL A 190 32.28 0.83 -1.70
CA VAL A 190 31.98 -0.04 -0.57
C VAL A 190 30.47 -0.28 -0.48
N THR A 191 30.11 -1.43 0.07
CA THR A 191 28.71 -1.84 0.19
C THR A 191 28.53 -2.56 1.52
N LEU A 192 27.69 -2.01 2.39
CA LEU A 192 27.40 -2.61 3.67
C LEU A 192 25.92 -2.91 3.78
N GLY A 193 25.56 -3.71 4.79
CA GLY A 193 24.19 -4.13 4.95
C GLY A 193 23.89 -4.44 6.40
N CYS A 194 22.61 -4.73 6.66
CA CYS A 194 22.14 -5.13 7.98
C CYS A 194 21.10 -6.22 7.79
N LEU A 195 21.37 -7.39 8.37
CA LEU A 195 20.47 -8.54 8.25
C LEU A 195 19.55 -8.57 9.47
N VAL A 196 18.29 -8.19 9.26
CA VAL A 196 17.25 -8.34 10.28
C VAL A 196 16.61 -9.70 10.06
N SER A 197 16.86 -10.63 10.99
CA SER A 197 16.52 -12.04 10.83
C SER A 197 15.57 -12.51 11.92
N SER A 198 14.59 -13.31 11.53
CA SER A 198 13.73 -14.07 12.45
C SER A 198 12.93 -13.15 13.37
N TYR A 199 11.95 -12.48 12.76
CA TYR A 199 11.03 -11.63 13.48
C TYR A 199 9.60 -11.94 13.04
N MET A 200 8.64 -11.51 13.85
CA MET A 200 7.22 -11.70 13.55
C MET A 200 6.38 -10.83 14.47
N PRO A 201 5.39 -10.11 13.93
CA PRO A 201 5.11 -10.04 12.50
C PRO A 201 5.70 -8.80 11.82
N GLU A 202 5.20 -8.51 10.62
CA GLU A 202 5.59 -7.32 9.89
C GLU A 202 4.93 -6.08 10.50
N PRO A 203 5.49 -4.88 10.25
CA PRO A 203 6.69 -4.58 9.50
C PRO A 203 7.88 -4.19 10.36
N VAL A 204 8.98 -3.81 9.72
CA VAL A 204 10.13 -3.21 10.38
C VAL A 204 10.62 -2.05 9.51
N THR A 205 11.22 -1.05 10.15
CA THR A 205 11.73 0.14 9.46
C THR A 205 13.22 0.25 9.70
N VAL A 206 13.99 0.36 8.61
CA VAL A 206 15.44 0.49 8.68
C VAL A 206 15.85 1.83 8.09
N THR A 207 16.61 2.60 8.87
CA THR A 207 17.26 3.80 8.40
C THR A 207 18.75 3.67 8.65
N TRP A 208 19.52 4.64 8.14
CA TRP A 208 20.98 4.61 8.27
C TRP A 208 21.45 5.93 8.83
N ASN A 209 22.23 5.84 9.92
CA ASN A 209 22.71 7.02 10.65
C ASN A 209 21.54 7.91 11.05
N SER A 210 20.48 7.28 11.56
CA SER A 210 19.25 7.93 11.99
C SER A 210 18.57 8.70 10.85
N GLY A 211 18.86 8.33 9.60
CA GLY A 211 18.26 8.98 8.44
C GLY A 211 19.15 9.99 7.76
N ALA A 212 20.29 10.37 8.36
CA ALA A 212 21.20 11.32 7.72
C ALA A 212 21.75 10.78 6.42
N LEU A 213 21.75 9.47 6.24
CA LEU A 213 22.23 8.82 5.02
C LEU A 213 21.01 8.33 4.25
N LYS A 214 20.59 9.11 3.26
CA LYS A 214 19.42 8.76 2.45
C LYS A 214 19.76 8.24 1.07
N SER A 215 20.95 8.56 0.55
CA SER A 215 21.33 8.20 -0.81
C SER A 215 22.04 6.86 -0.82
N GLY A 216 21.66 6.00 -1.77
CA GLY A 216 22.28 4.70 -1.90
C GLY A 216 21.77 3.66 -0.92
N VAL A 217 20.52 3.76 -0.50
CA VAL A 217 19.94 2.87 0.50
C VAL A 217 18.75 2.15 -0.14
N HIS A 218 18.71 0.83 0.03
CA HIS A 218 17.54 0.05 -0.33
C HIS A 218 17.26 -0.95 0.78
N THR A 219 16.01 -1.05 1.19
CA THR A 219 15.56 -2.00 2.20
C THR A 219 14.68 -3.03 1.50
N PHE A 220 15.19 -4.24 1.36
CA PHE A 220 14.55 -5.25 0.54
C PHE A 220 13.25 -5.75 1.17
N PRO A 221 12.34 -6.30 0.38
CA PRO A 221 11.17 -6.96 0.95
C PRO A 221 11.58 -8.16 1.79
N ALA A 222 10.65 -8.59 2.65
CA ALA A 222 10.95 -9.64 3.60
C ALA A 222 10.85 -11.02 2.95
N VAL A 223 11.51 -11.99 3.58
CA VAL A 223 11.47 -13.39 3.16
C VAL A 223 10.92 -14.19 4.33
N LEU A 224 10.38 -15.37 4.02
CA LEU A 224 9.75 -16.24 5.02
C LEU A 224 10.29 -17.65 4.85
N GLN A 225 11.04 -18.12 5.84
CA GLN A 225 11.55 -19.48 5.83
C GLN A 225 10.50 -20.44 6.38
N SER A 226 10.85 -21.73 6.41
CA SER A 226 9.90 -22.75 6.86
C SER A 226 9.46 -22.55 8.30
N SER A 227 10.28 -21.90 9.13
CA SER A 227 9.91 -21.65 10.51
C SER A 227 8.80 -20.62 10.65
N GLY A 228 8.35 -20.00 9.57
CA GLY A 228 7.33 -18.98 9.66
C GLY A 228 7.83 -17.65 10.18
N LEU A 229 9.14 -17.46 10.21
CA LEU A 229 9.75 -16.24 10.71
C LEU A 229 10.30 -15.42 9.55
N TYR A 230 10.13 -14.10 9.64
CA TYR A 230 10.55 -13.18 8.59
C TYR A 230 12.02 -12.81 8.73
N SER A 231 12.65 -12.55 7.59
CA SER A 231 13.98 -11.97 7.53
C SER A 231 14.03 -11.01 6.36
N LEU A 232 14.75 -9.90 6.56
CA LEU A 232 14.99 -8.96 5.48
C LEU A 232 16.30 -8.24 5.72
N SER A 233 16.85 -7.69 4.65
CA SER A 233 18.12 -6.98 4.69
C SER A 233 17.96 -5.58 4.14
N SER A 234 18.82 -4.68 4.61
CA SER A 234 18.90 -3.32 4.11
C SER A 234 20.35 -3.02 3.75
N MET A 235 20.56 -2.50 2.56
CA MET A 235 21.90 -2.29 2.02
C MET A 235 22.17 -0.79 1.87
N VAL A 236 23.41 -0.40 2.09
CA VAL A 236 23.87 0.97 1.87
C VAL A 236 25.15 0.93 1.05
N THR A 237 25.24 1.82 0.07
CA THR A 237 26.42 1.97 -0.77
C THR A 237 27.09 3.31 -0.47
N VAL A 238 28.42 3.30 -0.44
CA VAL A 238 29.19 4.46 0.00
C VAL A 238 30.54 4.46 -0.73
N PRO A 239 31.33 5.55 -0.66
CA PRO A 239 32.69 5.58 -1.22
C PRO A 239 33.54 4.37 -0.85
N THR A 246 31.69 6.23 11.12
CA THR A 246 31.29 4.93 10.57
C THR A 246 29.75 4.82 10.54
N PHE A 247 29.24 3.70 10.05
CA PHE A 247 27.84 3.58 9.64
C PHE A 247 27.07 2.69 10.60
N THR A 248 25.88 3.14 10.98
CA THR A 248 25.04 2.45 11.95
C THR A 248 23.61 2.40 11.41
N CYS A 249 23.11 1.19 11.20
CA CYS A 249 21.74 0.99 10.75
C CYS A 249 20.80 0.95 11.95
N ASN A 250 19.61 1.51 11.78
CA ASN A 250 18.62 1.63 12.86
C ASN A 250 17.40 0.80 12.49
N VAL A 251 17.21 -0.33 13.17
CA VAL A 251 16.07 -1.21 12.94
C VAL A 251 15.07 -1.00 14.06
N ALA A 252 13.78 -1.03 13.70
CA ALA A 252 12.70 -0.84 14.67
C ALA A 252 11.56 -1.79 14.32
N HIS A 253 11.11 -2.53 15.33
CA HIS A 253 9.98 -3.45 15.17
C HIS A 253 8.88 -3.03 16.13
N PRO A 254 7.76 -2.47 15.64
CA PRO A 254 6.74 -1.96 16.55
C PRO A 254 6.02 -3.05 17.32
N ALA A 255 5.90 -4.25 16.77
CA ALA A 255 5.17 -5.33 17.44
C ALA A 255 5.88 -5.82 18.69
N SER A 256 7.19 -5.59 18.81
CA SER A 256 7.94 -5.98 19.99
C SER A 256 8.55 -4.80 20.72
N SER A 257 8.17 -3.56 20.36
CA SER A 257 8.68 -2.34 20.99
C SER A 257 10.20 -2.29 20.96
N THR A 258 10.79 -2.87 19.90
CA THR A 258 12.23 -3.04 19.79
C THR A 258 12.82 -1.96 18.89
N LYS A 259 13.90 -1.32 19.36
CA LYS A 259 14.65 -0.35 18.56
C LYS A 259 16.13 -0.64 18.75
N VAL A 260 16.76 -1.23 17.73
CA VAL A 260 18.17 -1.59 17.77
C VAL A 260 18.93 -0.64 16.85
N ASP A 261 20.13 -0.22 17.30
CA ASP A 261 21.03 0.63 16.52
C ASP A 261 22.38 -0.09 16.47
N LYS A 262 22.52 -1.03 15.54
CA LYS A 262 23.73 -1.84 15.43
C LYS A 262 24.71 -1.19 14.48
N ALA A 263 25.96 -1.07 14.91
CA ALA A 263 27.02 -0.49 14.09
C ALA A 263 27.58 -1.53 13.13
N VAL A 264 27.92 -1.06 11.93
CA VAL A 264 28.55 -1.90 10.91
C VAL A 264 29.99 -1.43 10.78
N GLU A 265 30.91 -2.15 11.41
CA GLU A 265 32.32 -1.82 11.33
C GLU A 265 33.01 -2.72 10.32
N PRO A 266 33.73 -2.17 9.35
CA PRO A 266 34.31 -2.99 8.28
C PRO A 266 35.41 -3.90 8.81
N LYS A 267 35.71 -4.92 8.02
CA LYS A 267 36.70 -5.93 8.40
C LYS A 267 38.11 -5.38 8.27
N SER A 268 38.97 -5.75 9.22
CA SER A 268 40.35 -5.32 9.21
C SER A 268 41.14 -6.02 8.11
N CYS A 269 41.52 -7.27 8.35
CA CYS A 269 42.28 -8.06 7.38
C CYS A 269 43.57 -7.36 6.96
N ALA B 2 -21.99 -5.52 -3.84
CA ALA B 2 -21.75 -4.77 -5.06
C ALA B 2 -20.32 -4.25 -5.12
N VAL B 3 -19.68 -4.39 -6.27
CA VAL B 3 -18.29 -3.98 -6.48
C VAL B 3 -18.15 -3.42 -7.89
N LEU B 4 -17.25 -2.45 -8.04
CA LEU B 4 -17.03 -1.79 -9.32
C LEU B 4 -15.96 -2.53 -10.10
N ASN B 5 -16.26 -2.86 -11.36
CA ASN B 5 -15.37 -3.66 -12.17
C ASN B 5 -14.29 -2.79 -12.81
N GLN B 6 -13.05 -3.24 -12.71
CA GLN B 6 -11.89 -2.58 -13.30
C GLN B 6 -11.04 -3.63 -14.02
N PRO B 7 -10.28 -3.22 -15.04
CA PRO B 7 -9.30 -4.13 -15.62
C PRO B 7 -8.18 -4.40 -14.61
N SER B 8 -7.67 -5.63 -14.64
CA SER B 8 -6.66 -6.01 -13.65
C SER B 8 -5.37 -5.21 -13.82
N SER B 9 -5.01 -4.90 -15.06
CA SER B 9 -3.76 -4.20 -15.32
C SER B 9 -3.83 -3.52 -16.69
N VAL B 10 -3.02 -2.47 -16.84
CA VAL B 10 -2.87 -1.74 -18.09
C VAL B 10 -1.43 -1.28 -18.20
N SER B 11 -0.91 -1.28 -19.43
CA SER B 11 0.50 -0.96 -19.65
C SER B 11 0.64 -0.08 -20.89
N GLY B 12 1.68 0.75 -20.88
CA GLY B 12 1.98 1.60 -22.01
C GLY B 12 3.44 1.99 -22.02
N SER B 13 3.89 2.50 -23.16
CA SER B 13 5.25 2.98 -23.29
C SER B 13 5.38 4.39 -22.71
N LEU B 14 6.62 4.80 -22.46
CA LEU B 14 6.86 6.05 -21.76
C LEU B 14 6.46 7.24 -22.63
N GLY B 15 5.83 8.23 -22.00
CA GLY B 15 5.37 9.42 -22.67
C GLY B 15 4.02 9.28 -23.37
N GLN B 16 3.34 8.16 -23.21
CA GLN B 16 2.13 7.87 -23.95
C GLN B 16 0.89 8.05 -23.07
N ARG B 17 -0.24 7.54 -23.55
CA ARG B 17 -1.52 7.64 -22.85
C ARG B 17 -2.00 6.25 -22.43
N VAL B 18 -2.67 6.21 -21.29
CA VAL B 18 -3.31 5.00 -20.79
C VAL B 18 -4.70 5.36 -20.31
N SER B 19 -5.59 4.37 -20.33
CA SER B 19 -6.98 4.57 -19.92
C SER B 19 -7.44 3.39 -19.08
N ILE B 20 -8.20 3.69 -18.03
CA ILE B 20 -8.70 2.68 -17.09
C ILE B 20 -10.19 2.91 -16.88
N THR B 21 -10.98 1.87 -17.06
CA THR B 21 -12.43 1.96 -16.92
C THR B 21 -12.87 1.58 -15.50
N CYS B 22 -14.13 1.90 -15.20
CA CYS B 22 -14.72 1.63 -13.89
C CYS B 22 -16.23 1.50 -14.10
N SER B 23 -16.68 0.27 -14.31
CA SER B 23 -18.06 -0.02 -14.72
C SER B 23 -18.88 -0.43 -13.50
N GLY B 24 -19.88 0.39 -13.17
CA GLY B 24 -20.78 0.09 -12.07
C GLY B 24 -22.23 -0.04 -12.51
N SER B 25 -23.14 0.59 -11.78
CA SER B 25 -24.56 0.53 -12.09
C SER B 25 -25.18 1.89 -11.78
N SER B 26 -26.51 1.98 -11.90
CA SER B 26 -27.19 3.22 -11.58
C SER B 26 -27.18 3.52 -10.09
N SER B 27 -27.05 2.47 -9.26
CA SER B 27 -27.04 2.69 -7.82
C SER B 27 -25.80 3.45 -7.37
N ASN B 28 -24.67 3.23 -8.03
CA ASN B 28 -23.41 3.82 -7.62
C ASN B 28 -22.86 4.82 -8.64
N VAL B 29 -22.22 4.30 -9.69
CA VAL B 29 -21.53 5.17 -10.64
C VAL B 29 -22.52 6.03 -11.41
N GLY B 30 -23.70 5.48 -11.73
CA GLY B 30 -24.68 6.24 -12.48
C GLY B 30 -25.35 7.33 -11.66
N ASN B 31 -25.35 7.19 -10.34
CA ASN B 31 -26.07 8.12 -9.47
C ASN B 31 -25.36 9.47 -9.33
N GLY B 32 -24.11 9.60 -9.79
CA GLY B 32 -23.42 10.86 -9.65
C GLY B 32 -22.03 10.94 -10.25
N TYR B 33 -21.03 11.22 -9.42
CA TYR B 33 -19.68 11.49 -9.88
C TYR B 33 -18.70 10.62 -9.09
N VAL B 34 -17.76 10.01 -9.81
CA VAL B 34 -16.85 9.03 -9.23
C VAL B 34 -15.64 9.73 -8.61
N SER B 35 -14.75 8.94 -8.00
CA SER B 35 -13.52 9.44 -7.40
C SER B 35 -12.40 8.45 -7.70
N TRP B 36 -11.18 8.98 -7.82
CA TRP B 36 -10.02 8.17 -8.18
C TRP B 36 -8.88 8.41 -7.22
N TYR B 37 -8.10 7.36 -6.97
CA TYR B 37 -6.99 7.40 -6.03
C TYR B 37 -5.85 6.54 -6.55
N GLN B 38 -4.63 6.94 -6.21
CA GLN B 38 -3.41 6.27 -6.67
C GLN B 38 -2.64 5.74 -5.47
N LEU B 39 -2.27 4.46 -5.53
CA LEU B 39 -1.50 3.80 -4.47
C LEU B 39 -0.17 3.33 -5.03
N ILE B 40 0.91 3.92 -4.55
CA ILE B 40 2.27 3.47 -4.86
C ILE B 40 2.83 2.80 -3.61
N PRO B 41 3.39 1.60 -3.73
CA PRO B 41 3.84 0.87 -2.53
C PRO B 41 4.86 1.67 -1.73
N GLY B 42 4.63 1.75 -0.43
CA GLY B 42 5.44 2.57 0.45
C GLY B 42 4.99 4.01 0.57
N SER B 43 4.10 4.45 -0.31
CA SER B 43 3.58 5.82 -0.29
C SER B 43 2.11 5.80 0.08
N ALA B 44 1.69 6.80 0.85
CA ALA B 44 0.28 6.95 1.16
C ALA B 44 -0.50 7.19 -0.14
N PRO B 45 -1.75 6.71 -0.20
CA PRO B 45 -2.56 6.97 -1.39
C PRO B 45 -2.79 8.46 -1.58
N ARG B 46 -2.82 8.90 -2.84
CA ARG B 46 -3.09 10.29 -3.17
C ARG B 46 -4.33 10.36 -4.04
N THR B 47 -5.27 11.23 -3.65
CA THR B 47 -6.48 11.42 -4.43
C THR B 47 -6.15 12.01 -5.79
N LEU B 48 -6.68 11.40 -6.85
CA LEU B 48 -6.35 11.78 -8.21
C LEU B 48 -7.43 12.61 -8.88
N ILE B 49 -8.70 12.28 -8.68
CA ILE B 49 -9.82 13.01 -9.28
C ILE B 49 -11.04 12.81 -8.41
N TYR B 50 -11.75 13.90 -8.15
CA TYR B 50 -13.06 13.86 -7.52
C TYR B 50 -14.07 14.50 -8.46
N GLY B 51 -15.32 14.07 -8.36
CA GLY B 51 -16.25 14.44 -9.39
C GLY B 51 -15.95 13.67 -10.67
N ASP B 52 -16.67 14.04 -11.72
CA ASP B 52 -16.44 13.37 -13.00
C ASP B 52 -15.10 13.78 -13.61
N THR B 53 -14.69 15.03 -13.41
CA THR B 53 -13.50 15.51 -14.11
C THR B 53 -12.65 16.49 -13.32
N SER B 54 -13.00 16.84 -12.08
CA SER B 54 -12.24 17.84 -11.34
C SER B 54 -10.86 17.30 -11.00
N ARG B 55 -9.83 17.91 -11.58
CA ARG B 55 -8.45 17.49 -11.35
C ARG B 55 -8.10 17.66 -9.87
N ALA B 56 -7.18 16.82 -9.40
CA ALA B 56 -6.84 16.80 -7.98
C ALA B 56 -6.16 18.10 -7.58
N SER B 57 -6.04 18.29 -6.26
CA SER B 57 -5.47 19.50 -5.71
C SER B 57 -4.01 19.71 -6.10
N GLY B 58 -3.31 18.64 -6.49
CA GLY B 58 -1.92 18.77 -6.86
C GLY B 58 -1.50 17.91 -8.03
N VAL B 59 -2.48 17.35 -8.74
CA VAL B 59 -2.19 16.47 -9.88
C VAL B 59 -2.01 17.31 -11.13
N PRO B 60 -1.05 16.96 -11.99
CA PRO B 60 -0.80 17.75 -13.20
C PRO B 60 -1.85 17.50 -14.27
N ASP B 61 -1.68 18.19 -15.41
CA ASP B 61 -2.65 18.13 -16.49
C ASP B 61 -2.68 16.78 -17.20
N ARG B 62 -1.61 15.99 -17.07
CA ARG B 62 -1.54 14.71 -17.77
C ARG B 62 -2.67 13.77 -17.35
N PHE B 63 -3.13 13.88 -16.12
CA PHE B 63 -4.26 13.09 -15.65
C PHE B 63 -5.57 13.74 -16.08
N SER B 64 -6.51 12.91 -16.54
CA SER B 64 -7.79 13.40 -17.02
C SER B 64 -8.88 12.41 -16.64
N GLY B 65 -10.09 12.94 -16.43
CA GLY B 65 -11.23 12.11 -16.11
C GLY B 65 -12.36 12.23 -17.11
N SER B 66 -13.25 11.24 -17.12
CA SER B 66 -14.38 11.23 -18.04
C SER B 66 -15.40 10.21 -17.54
N ARG B 67 -16.63 10.35 -18.02
CA ARG B 67 -17.69 9.41 -17.66
C ARG B 67 -18.76 9.44 -18.73
N SER B 68 -19.27 8.27 -19.08
CA SER B 68 -20.38 8.13 -20.02
C SER B 68 -21.28 7.01 -19.51
N GLY B 69 -22.47 7.36 -19.02
CA GLY B 69 -23.40 6.37 -18.53
C GLY B 69 -23.04 5.78 -17.19
N ASN B 70 -22.85 4.46 -17.15
CA ASN B 70 -22.58 3.74 -15.91
C ASN B 70 -21.12 3.36 -15.75
N THR B 71 -20.25 3.80 -16.66
CA THR B 71 -18.82 3.49 -16.60
C THR B 71 -18.03 4.78 -16.64
N ALA B 72 -17.05 4.91 -15.75
CA ALA B 72 -16.15 6.05 -15.71
C ALA B 72 -14.76 5.60 -16.15
N THR B 73 -14.02 6.53 -16.77
CA THR B 73 -12.67 6.26 -17.27
C THR B 73 -11.71 7.32 -16.77
N LEU B 74 -10.53 6.88 -16.32
CA LEU B 74 -9.44 7.77 -15.96
C LEU B 74 -8.34 7.68 -17.01
N THR B 75 -7.75 8.81 -17.37
CA THR B 75 -6.76 8.91 -18.42
C THR B 75 -5.46 9.50 -17.89
N ILE B 76 -4.34 8.93 -18.31
CA ILE B 76 -3.01 9.39 -17.92
C ILE B 76 -2.22 9.63 -19.20
N SER B 77 -1.94 10.89 -19.51
CA SER B 77 -1.15 11.26 -20.68
C SER B 77 0.31 11.46 -20.29
N SER B 78 1.18 11.50 -21.31
CA SER B 78 2.61 11.71 -21.13
C SER B 78 3.16 10.84 -20.00
N LEU B 79 3.18 9.53 -20.20
CA LEU B 79 3.51 8.60 -19.12
C LEU B 79 4.92 8.84 -18.61
N GLN B 80 5.09 8.65 -17.30
CA GLN B 80 6.39 8.69 -16.66
C GLN B 80 6.70 7.34 -16.04
N ALA B 81 7.95 7.20 -15.57
CA ALA B 81 8.35 5.96 -14.91
C ALA B 81 7.86 5.90 -13.48
N GLU B 82 7.69 7.05 -12.83
CA GLU B 82 7.21 7.13 -11.46
C GLU B 82 5.69 7.08 -11.36
N ASP B 83 5.01 6.58 -12.39
CA ASP B 83 3.56 6.43 -12.38
C ASP B 83 3.12 4.97 -12.28
N GLU B 84 4.06 4.04 -12.18
CA GLU B 84 3.71 2.65 -11.90
C GLU B 84 3.03 2.58 -10.53
N ALA B 85 1.76 2.21 -10.52
CA ALA B 85 0.98 2.23 -9.28
C ALA B 85 -0.31 1.45 -9.48
N ASP B 86 -1.05 1.30 -8.40
CA ASP B 86 -2.40 0.76 -8.41
C ASP B 86 -3.39 1.92 -8.32
N TYR B 87 -4.40 1.91 -9.18
CA TYR B 87 -5.38 2.98 -9.26
C TYR B 87 -6.76 2.42 -8.91
N PHE B 88 -7.47 3.11 -8.02
CA PHE B 88 -8.75 2.64 -7.50
C PHE B 88 -9.82 3.70 -7.77
N CYS B 89 -10.94 3.27 -8.35
CA CYS B 89 -12.10 4.13 -8.51
C CYS B 89 -13.06 3.91 -7.34
N ALA B 90 -13.84 4.95 -7.03
CA ALA B 90 -14.74 4.89 -5.89
C ALA B 90 -15.94 5.80 -6.12
N SER B 91 -17.03 5.48 -5.44
CA SER B 91 -18.26 6.25 -5.45
C SER B 91 -19.13 5.75 -4.30
N ALA B 92 -20.30 6.38 -4.16
CA ALA B 92 -21.21 6.07 -3.07
C ALA B 92 -22.46 5.37 -3.60
N GLU B 93 -23.14 4.65 -2.71
CA GLU B 93 -24.36 3.93 -3.07
C GLU B 93 -25.26 3.87 -1.86
N ASP B 94 -26.50 4.34 -2.01
CA ASP B 94 -27.57 4.28 -1.01
C ASP B 94 -27.27 5.07 0.25
N SER B 95 -26.16 5.83 0.27
CA SER B 95 -25.80 6.66 1.40
C SER B 95 -24.59 7.51 1.02
N SER B 96 -24.56 8.73 1.54
CA SER B 96 -23.44 9.63 1.28
C SER B 96 -22.23 9.35 2.17
N SER B 97 -22.39 8.53 3.22
CA SER B 97 -21.26 8.11 4.02
C SER B 97 -20.96 6.61 3.84
N ASN B 98 -21.55 5.99 2.83
CA ASN B 98 -21.24 4.62 2.45
C ASN B 98 -20.52 4.63 1.11
N ALA B 99 -19.34 4.03 1.06
CA ALA B 99 -18.50 4.05 -0.13
C ALA B 99 -18.29 2.64 -0.66
N VAL B 100 -18.03 2.56 -1.96
CA VAL B 100 -17.69 1.31 -2.63
C VAL B 100 -16.52 1.60 -3.57
N PHE B 101 -15.60 0.64 -3.65
CA PHE B 101 -14.37 0.82 -4.41
C PHE B 101 -14.32 -0.14 -5.59
N GLY B 102 -13.50 0.22 -6.59
CA GLY B 102 -13.26 -0.67 -7.69
C GLY B 102 -12.24 -1.75 -7.35
N SER B 103 -12.27 -2.82 -8.15
CA SER B 103 -11.40 -3.97 -7.88
C SER B 103 -9.92 -3.63 -8.03
N GLY B 104 -9.59 -2.51 -8.65
CA GLY B 104 -8.20 -2.07 -8.72
C GLY B 104 -7.56 -2.37 -10.06
N THR B 105 -6.62 -1.51 -10.45
CA THR B 105 -5.89 -1.65 -11.71
C THR B 105 -4.44 -1.25 -11.48
N THR B 106 -3.51 -2.09 -11.92
CA THR B 106 -2.08 -1.85 -11.75
C THR B 106 -1.49 -1.42 -13.09
N LEU B 107 -0.86 -0.26 -13.11
CA LEU B 107 -0.29 0.32 -14.32
C LEU B 107 1.23 0.12 -14.34
N THR B 108 1.76 -0.24 -15.50
CA THR B 108 3.19 -0.42 -15.70
C THR B 108 3.61 0.32 -16.96
N VAL B 109 4.66 1.13 -16.86
CA VAL B 109 5.19 1.87 -17.99
C VAL B 109 6.37 1.11 -18.56
N LEU B 110 6.33 0.83 -19.86
CA LEU B 110 7.35 0.04 -20.53
C LEU B 110 8.35 0.95 -21.24
N GLY B 111 9.37 0.33 -21.83
CA GLY B 111 10.34 1.05 -22.64
C GLY B 111 11.48 1.68 -21.88
N GLN B 112 11.68 1.34 -20.61
CA GLN B 112 12.80 1.90 -19.87
C GLN B 112 14.11 1.23 -20.31
N PRO B 113 15.24 1.92 -20.20
CA PRO B 113 16.51 1.34 -20.64
C PRO B 113 16.87 0.10 -19.83
N LYS B 114 17.24 -0.96 -20.53
CA LYS B 114 17.65 -2.20 -19.87
C LYS B 114 18.91 -1.96 -19.05
N SER B 115 18.94 -2.55 -17.86
CA SER B 115 20.08 -2.39 -16.95
C SER B 115 20.49 -3.75 -16.40
N PRO B 116 21.79 -4.00 -16.29
CA PRO B 116 22.27 -5.25 -15.71
C PRO B 116 22.27 -5.17 -14.20
N PRO B 117 22.11 -6.30 -13.52
CA PRO B 117 22.04 -6.27 -12.05
C PRO B 117 23.40 -6.22 -11.40
N SER B 118 23.49 -5.46 -10.31
CA SER B 118 24.63 -5.48 -9.42
C SER B 118 24.40 -6.52 -8.34
N VAL B 119 25.42 -7.32 -8.05
CA VAL B 119 25.32 -8.42 -7.10
C VAL B 119 26.35 -8.24 -6.01
N THR B 120 25.90 -8.35 -4.76
CA THR B 120 26.80 -8.36 -3.60
C THR B 120 26.43 -9.56 -2.74
N LEU B 121 27.42 -10.39 -2.42
CA LEU B 121 27.23 -11.62 -1.65
C LEU B 121 27.96 -11.48 -0.33
N PHE B 122 27.21 -11.39 0.76
CA PHE B 122 27.76 -11.22 2.11
C PHE B 122 27.95 -12.57 2.79
N PRO B 123 29.04 -12.74 3.53
CA PRO B 123 29.24 -13.95 4.32
C PRO B 123 28.53 -13.83 5.66
N PRO B 124 28.40 -14.93 6.39
CA PRO B 124 27.78 -14.86 7.73
C PRO B 124 28.57 -13.95 8.65
N SER B 125 27.85 -13.29 9.56
CA SER B 125 28.48 -12.43 10.55
C SER B 125 29.06 -13.26 11.69
N THR B 126 30.06 -12.69 12.36
CA THR B 126 30.67 -13.38 13.49
C THR B 126 29.65 -13.66 14.58
N GLU B 127 28.74 -12.71 14.82
CA GLU B 127 27.73 -12.90 15.87
C GLU B 127 26.76 -14.02 15.51
N GLU B 128 26.37 -14.12 14.23
CA GLU B 128 25.49 -15.21 13.83
C GLU B 128 26.20 -16.55 13.94
N LEU B 129 27.48 -16.60 13.56
CA LEU B 129 28.29 -17.79 13.76
C LEU B 129 28.65 -18.01 15.23
N ASN B 130 28.32 -17.06 16.12
CA ASN B 130 28.50 -17.31 17.54
C ASN B 130 27.35 -18.14 18.10
N GLY B 131 26.19 -18.12 17.44
CA GLY B 131 25.27 -19.23 17.57
C GLY B 131 25.82 -20.32 16.68
N ASN B 132 24.97 -21.14 16.07
CA ASN B 132 25.48 -22.08 15.08
C ASN B 132 24.59 -22.08 13.84
N LYS B 133 24.33 -20.88 13.34
CA LYS B 133 23.64 -20.67 12.08
C LYS B 133 24.52 -19.82 11.18
N ALA B 134 24.39 -20.05 9.86
CA ALA B 134 25.15 -19.30 8.87
C ALA B 134 24.21 -18.95 7.73
N THR B 135 24.01 -17.65 7.51
CA THR B 135 23.10 -17.16 6.47
C THR B 135 23.91 -16.36 5.46
N LEU B 136 23.99 -16.85 4.24
CA LEU B 136 24.61 -16.12 3.13
C LEU B 136 23.54 -15.28 2.45
N VAL B 137 23.86 -14.00 2.21
CA VAL B 137 22.89 -13.02 1.71
C VAL B 137 23.37 -12.51 0.37
N CYS B 138 22.59 -12.75 -0.68
CA CYS B 138 22.89 -12.29 -2.03
C CYS B 138 21.93 -11.18 -2.38
N LEU B 139 22.45 -9.97 -2.54
CA LEU B 139 21.64 -8.78 -2.81
C LEU B 139 21.77 -8.38 -4.27
N ILE B 140 20.65 -8.40 -4.99
CA ILE B 140 20.60 -8.05 -6.41
C ILE B 140 19.91 -6.69 -6.53
N SER B 141 20.46 -5.81 -7.36
CA SER B 141 19.96 -4.44 -7.41
C SER B 141 20.24 -3.83 -8.78
N ASP B 142 19.42 -2.83 -9.12
CA ASP B 142 19.69 -1.90 -10.22
C ASP B 142 19.55 -2.56 -11.60
N PHE B 143 18.59 -3.48 -11.73
CA PHE B 143 18.38 -4.16 -13.01
C PHE B 143 17.01 -3.83 -13.58
N TYR B 144 16.93 -3.87 -14.91
CA TYR B 144 15.70 -3.67 -15.66
C TYR B 144 15.83 -4.48 -16.94
N PRO B 145 14.80 -5.26 -17.33
CA PRO B 145 13.52 -5.44 -16.64
C PRO B 145 13.65 -6.22 -15.32
N GLY B 146 12.54 -6.35 -14.58
CA GLY B 146 12.58 -6.95 -13.26
C GLY B 146 12.20 -8.41 -13.21
N SER B 147 13.07 -9.28 -13.74
CA SER B 147 12.85 -10.73 -13.71
C SER B 147 14.24 -11.38 -13.76
N VAL B 148 14.76 -11.79 -12.61
CA VAL B 148 16.03 -12.50 -12.56
C VAL B 148 15.78 -13.92 -12.08
N THR B 149 16.71 -14.81 -12.43
CA THR B 149 16.72 -16.17 -11.93
C THR B 149 18.02 -16.42 -11.17
N VAL B 150 17.94 -17.15 -10.07
CA VAL B 150 19.05 -17.30 -9.15
C VAL B 150 19.26 -18.78 -8.85
N VAL B 151 20.51 -19.24 -9.04
CA VAL B 151 20.92 -20.57 -8.59
C VAL B 151 22.15 -20.40 -7.70
N TRP B 152 22.29 -21.30 -6.74
CA TRP B 152 23.42 -21.32 -5.82
C TRP B 152 24.30 -22.52 -6.12
N LYS B 153 25.61 -22.32 -6.08
CA LYS B 153 26.58 -23.39 -6.29
C LYS B 153 27.47 -23.54 -5.07
N ALA B 154 27.95 -24.77 -4.86
CA ALA B 154 28.90 -25.06 -3.79
C ALA B 154 29.85 -26.14 -4.31
N ASP B 155 31.13 -25.78 -4.48
CA ASP B 155 32.16 -26.69 -4.97
C ASP B 155 31.77 -27.28 -6.32
N GLY B 156 31.35 -26.40 -7.23
CA GLY B 156 31.00 -26.83 -8.57
C GLY B 156 29.76 -27.70 -8.65
N SER B 157 28.81 -27.50 -7.74
CA SER B 157 27.58 -28.28 -7.72
C SER B 157 26.41 -27.40 -7.31
N THR B 158 25.29 -27.54 -8.01
CA THR B 158 24.11 -26.73 -7.71
C THR B 158 23.52 -27.11 -6.37
N ILE B 159 23.22 -26.10 -5.55
CA ILE B 159 22.57 -26.31 -4.26
C ILE B 159 21.07 -26.33 -4.47
N THR B 160 20.41 -27.37 -3.96
CA THR B 160 18.97 -27.54 -4.12
C THR B 160 18.18 -27.15 -2.88
N ARG B 161 18.72 -27.42 -1.69
CA ARG B 161 17.99 -27.22 -0.45
C ARG B 161 18.37 -25.91 0.23
N ASN B 162 17.43 -25.38 1.01
CA ASN B 162 17.66 -24.24 1.91
C ASN B 162 17.95 -22.95 1.14
N VAL B 163 17.16 -22.67 0.11
CA VAL B 163 17.30 -21.45 -0.67
C VAL B 163 15.95 -20.74 -0.73
N GLU B 164 15.95 -19.45 -0.44
CA GLU B 164 14.75 -18.62 -0.51
C GLU B 164 15.08 -17.33 -1.23
N THR B 165 14.25 -16.97 -2.20
CA THR B 165 14.45 -15.77 -3.01
C THR B 165 13.17 -14.95 -3.03
N THR B 166 13.32 -13.63 -2.85
CA THR B 166 12.19 -12.72 -2.87
C THR B 166 11.90 -12.26 -4.30
N ARG B 167 10.63 -11.96 -4.55
CA ARG B 167 10.27 -11.37 -5.83
C ARG B 167 10.87 -9.98 -5.97
N ALA B 168 11.07 -9.55 -7.21
CA ALA B 168 11.70 -8.27 -7.46
C ALA B 168 10.75 -7.12 -7.16
N SER B 169 11.29 -6.03 -6.63
CA SER B 169 10.51 -4.86 -6.28
C SER B 169 11.22 -3.60 -6.75
N LYS B 170 10.44 -2.59 -7.11
CA LYS B 170 11.00 -1.35 -7.65
C LYS B 170 11.76 -0.59 -6.57
N GLN B 171 12.75 0.20 -7.01
CA GLN B 171 13.52 1.05 -6.14
C GLN B 171 13.06 2.50 -6.28
N SER B 172 13.77 3.40 -5.60
CA SER B 172 13.46 4.83 -5.70
C SER B 172 13.91 5.43 -7.01
N ASN B 173 14.90 4.82 -7.68
CA ASN B 173 15.33 5.24 -9.00
C ASN B 173 14.63 4.46 -10.11
N SER B 174 13.57 3.72 -9.79
CA SER B 174 12.74 3.00 -10.76
C SER B 174 13.49 1.87 -11.45
N LYS B 175 14.54 1.34 -10.84
CA LYS B 175 15.10 0.06 -11.23
C LYS B 175 14.74 -1.00 -10.20
N TYR B 176 14.91 -2.26 -10.56
CA TYR B 176 14.42 -3.35 -9.72
C TYR B 176 15.52 -3.96 -8.88
N ALA B 177 15.11 -4.55 -7.76
CA ALA B 177 16.03 -5.19 -6.82
C ALA B 177 15.40 -6.46 -6.27
N ALA B 178 16.25 -7.37 -5.82
CA ALA B 178 15.79 -8.62 -5.22
C ALA B 178 16.89 -9.19 -4.35
N SER B 179 16.53 -10.14 -3.49
CA SER B 179 17.48 -10.76 -2.58
C SER B 179 17.22 -12.26 -2.53
N SER B 180 18.29 -13.01 -2.23
CA SER B 180 18.23 -14.46 -2.11
C SER B 180 19.01 -14.88 -0.88
N TYR B 181 18.52 -15.92 -0.19
CA TYR B 181 19.06 -16.31 1.10
C TYR B 181 19.42 -17.79 1.11
N LEU B 182 20.60 -18.10 1.61
CA LEU B 182 21.04 -19.47 1.86
C LEU B 182 21.23 -19.63 3.36
N SER B 183 20.49 -20.56 3.96
CA SER B 183 20.43 -20.71 5.41
C SER B 183 21.06 -22.05 5.80
N LEU B 184 22.26 -22.00 6.33
CA LEU B 184 22.98 -23.19 6.77
C LEU B 184 23.31 -23.08 8.26
N THR B 185 23.91 -24.14 8.78
CA THR B 185 24.53 -24.12 10.09
C THR B 185 25.99 -23.69 9.94
N SER B 186 26.62 -23.39 11.08
CA SER B 186 28.03 -23.03 11.04
C SER B 186 28.89 -24.19 10.54
N SER B 187 28.61 -25.41 11.00
CA SER B 187 29.37 -26.57 10.54
C SER B 187 29.29 -26.74 9.02
N ASP B 188 28.15 -26.42 8.42
CA ASP B 188 28.03 -26.52 6.97
C ASP B 188 28.76 -25.39 6.27
N TRP B 189 28.78 -24.20 6.86
CA TRP B 189 29.49 -23.07 6.27
C TRP B 189 30.98 -23.37 6.12
N LYS B 190 31.59 -23.89 7.18
CA LYS B 190 32.99 -24.29 7.11
C LYS B 190 33.20 -25.63 6.42
N SER B 191 32.14 -26.34 6.04
CA SER B 191 32.29 -27.66 5.45
C SER B 191 32.82 -27.58 4.02
N LYS B 192 32.32 -26.63 3.24
CA LYS B 192 32.64 -26.53 1.82
C LYS B 192 33.65 -25.42 1.57
N GLY B 193 34.26 -25.46 0.39
CA GLY B 193 35.38 -24.58 0.07
C GLY B 193 35.01 -23.28 -0.59
N SER B 194 33.85 -23.23 -1.25
CA SER B 194 33.44 -22.01 -1.94
C SER B 194 31.94 -22.04 -2.18
N TYR B 195 31.31 -20.87 -2.01
CA TYR B 195 29.89 -20.68 -2.30
C TYR B 195 29.76 -19.57 -3.34
N SER B 196 28.81 -19.75 -4.25
CA SER B 196 28.61 -18.80 -5.35
C SER B 196 27.12 -18.48 -5.50
N CYS B 197 26.83 -17.22 -5.76
CA CYS B 197 25.49 -16.76 -6.09
C CYS B 197 25.45 -16.41 -7.57
N GLU B 198 24.65 -17.14 -8.34
CA GLU B 198 24.55 -16.97 -9.78
C GLU B 198 23.22 -16.30 -10.10
N VAL B 199 23.29 -15.08 -10.64
CA VAL B 199 22.11 -14.29 -10.96
C VAL B 199 22.04 -14.15 -12.48
N THR B 200 20.93 -14.60 -13.05
CA THR B 200 20.72 -14.58 -14.50
C THR B 200 19.65 -13.56 -14.84
N HIS B 201 19.95 -12.70 -15.82
CA HIS B 201 19.03 -11.62 -16.20
C HIS B 201 19.19 -11.36 -17.69
N GLU B 202 18.14 -11.67 -18.46
CA GLU B 202 18.11 -11.43 -19.91
C GLU B 202 19.27 -12.13 -20.61
N GLY B 203 19.46 -13.42 -20.30
CA GLY B 203 20.48 -14.21 -20.94
C GLY B 203 21.90 -13.91 -20.51
N SER B 204 22.09 -13.09 -19.48
CA SER B 204 23.42 -12.74 -19.00
C SER B 204 23.51 -13.03 -17.50
N THR B 205 24.65 -13.54 -17.07
CA THR B 205 24.83 -14.03 -15.70
C THR B 205 25.93 -13.25 -15.00
N VAL B 206 25.69 -12.94 -13.73
CA VAL B 206 26.68 -12.32 -12.84
C VAL B 206 26.87 -13.24 -11.65
N THR B 207 28.13 -13.52 -11.31
CA THR B 207 28.47 -14.50 -10.28
C THR B 207 29.40 -13.88 -9.26
N LYS B 208 29.04 -14.02 -7.98
CA LYS B 208 29.89 -13.60 -6.87
C LYS B 208 30.19 -14.80 -5.99
N THR B 209 31.40 -14.82 -5.43
CA THR B 209 31.89 -15.98 -4.68
C THR B 209 32.48 -15.53 -3.35
N VAL B 210 32.19 -16.30 -2.31
CA VAL B 210 32.83 -16.17 -1.00
C VAL B 210 33.47 -17.50 -0.65
N LYS B 211 34.61 -17.43 0.03
CA LYS B 211 35.35 -18.62 0.46
C LYS B 211 35.48 -18.61 1.97
N PRO B 212 34.92 -19.59 2.68
CA PRO B 212 34.95 -19.54 4.15
C PRO B 212 36.35 -19.50 4.75
N SER B 213 37.36 -19.97 4.02
CA SER B 213 38.73 -19.92 4.53
C SER B 213 39.32 -18.52 4.46
N GLU B 214 38.94 -17.72 3.45
CA GLU B 214 39.52 -16.40 3.22
C GLU B 214 38.65 -15.27 3.75
N CYS B 215 37.70 -15.58 4.62
CA CYS B 215 36.84 -14.53 5.19
C CYS B 215 37.06 -14.42 6.70
#